data_7ME7
#
_entry.id   7ME7
#
_cell.length_a   1.00
_cell.length_b   1.00
_cell.length_c   1.00
_cell.angle_alpha   90.00
_cell.angle_beta   90.00
_cell.angle_gamma   90.00
#
_symmetry.space_group_name_H-M   'P 1'
#
loop_
_entity.id
_entity.type
_entity.pdbx_description
1 polymer 'Spike protein S1'
2 polymer 'Nanobody Nb17'
3 polymer 'Nanobody Nb105'
#
loop_
_entity_poly.entity_id
_entity_poly.type
_entity_poly.pdbx_seq_one_letter_code
_entity_poly.pdbx_strand_id
1 'polypeptide(L)'
;TNLCPFGEVFNATRFASVYAWNRKRISNCVADYSVLYNSASFSTFKCYGVSPTKLNDLCFTNVYADSFVIRGDEVRQIAP
GQTGKIADYNYKLPDDFTGCVIAWNSNNLDSKVGGNYNYLYRLFRKSNLKPFERDISTEIYQAGSTPCNGVEGFNCYFPL
QSYGFQPTNGVGYQPYRVVVLSFELLHAPATVCG
;
R
2 'polypeptide(L)'
;HVQLVESGGGLVQAGGSLRLSCAASGSIFSSNAMSWYRQAPGKQRELVASITSGGNADYADSVKGRFTISRDKNTVYPEM
SSLKPADTAVYYCHAVGQEASAYAPRAYWGQGTQVTVSS
;
A
3 'polypeptide(L)'
;VQLVESGGGLVQAGGSLRLSCAVSGRTFSTYGMAWFRQAPGKERDFVATITRSGETTLYADSVKGRFTISRDNAKNTVYL
QMNSLKIEDTAVYYCAVRRDSSWGYSRDLFEYDYWGQGTQVTVS
;
B
#
# COMPACT_ATOMS: atom_id res chain seq x y z
N THR A 1 7.77 -28.51 11.60
CA THR A 1 8.26 -27.27 11.01
C THR A 1 7.36 -26.83 9.87
N ASN A 2 6.76 -25.65 10.02
CA ASN A 2 5.86 -25.08 9.03
C ASN A 2 6.46 -23.79 8.49
N LEU A 3 6.48 -23.66 7.17
CA LEU A 3 7.04 -22.47 6.51
C LEU A 3 5.95 -21.40 6.40
N CYS A 4 6.24 -20.22 6.92
CA CYS A 4 5.26 -19.13 6.88
C CYS A 4 5.05 -18.68 5.44
N PRO A 5 3.81 -18.38 5.05
CA PRO A 5 3.57 -17.91 3.66
C PRO A 5 3.78 -16.41 3.51
N PHE A 6 5.04 -15.99 3.61
CA PHE A 6 5.42 -14.59 3.47
C PHE A 6 6.21 -14.29 2.21
N GLY A 7 6.90 -15.28 1.64
CA GLY A 7 7.68 -15.02 0.44
C GLY A 7 6.82 -14.57 -0.72
N GLU A 8 5.68 -15.24 -0.94
CA GLU A 8 4.80 -14.86 -2.04
C GLU A 8 4.25 -13.46 -1.84
N VAL A 9 3.86 -13.12 -0.61
CA VAL A 9 3.33 -11.79 -0.34
C VAL A 9 4.40 -10.73 -0.58
N PHE A 10 5.63 -10.99 -0.12
CA PHE A 10 6.70 -10.02 -0.25
C PHE A 10 7.41 -10.10 -1.60
N ASN A 11 7.12 -11.11 -2.41
CA ASN A 11 7.74 -11.27 -3.73
C ASN A 11 6.71 -11.38 -4.83
N ALA A 12 5.48 -10.94 -4.59
CA ALA A 12 4.44 -11.02 -5.61
C ALA A 12 4.83 -10.20 -6.83
N THR A 13 4.66 -10.80 -8.01
CA THR A 13 4.99 -10.10 -9.25
C THR A 13 4.09 -8.90 -9.46
N ARG A 14 2.79 -9.03 -9.14
CA ARG A 14 1.82 -7.96 -9.31
C ARG A 14 1.15 -7.67 -7.98
N PHE A 15 0.62 -6.46 -7.86
CA PHE A 15 -0.04 -5.99 -6.66
C PHE A 15 -1.45 -5.53 -6.99
N ALA A 16 -2.35 -5.66 -6.02
CA ALA A 16 -3.74 -5.31 -6.21
C ALA A 16 -3.92 -3.80 -6.21
N SER A 17 -5.09 -3.36 -6.68
CA SER A 17 -5.40 -1.94 -6.76
C SER A 17 -5.69 -1.38 -5.38
N VAL A 18 -5.72 -0.05 -5.30
CA VAL A 18 -5.97 0.61 -4.02
C VAL A 18 -7.36 0.30 -3.50
N TYR A 19 -8.36 0.31 -4.38
CA TYR A 19 -9.74 0.02 -3.98
C TYR A 19 -10.00 -1.46 -3.82
N ALA A 20 -9.05 -2.33 -4.17
CA ALA A 20 -9.16 -3.77 -4.01
C ALA A 20 -7.92 -4.33 -3.37
N TRP A 21 -7.45 -3.68 -2.29
CA TRP A 21 -6.22 -4.09 -1.64
C TRP A 21 -6.31 -5.55 -1.21
N ASN A 22 -5.25 -6.31 -1.49
CA ASN A 22 -5.25 -7.74 -1.20
C ASN A 22 -5.19 -7.97 0.31
N ARG A 23 -6.02 -8.91 0.78
CA ARG A 23 -6.06 -9.28 2.20
C ARG A 23 -5.73 -10.77 2.32
N LYS A 24 -4.84 -11.10 3.25
CA LYS A 24 -4.38 -12.47 3.41
C LYS A 24 -4.30 -12.82 4.89
N ARG A 25 -4.55 -14.10 5.17
CA ARG A 25 -4.51 -14.64 6.52
C ARG A 25 -3.07 -14.98 6.89
N ILE A 26 -2.74 -14.87 8.17
CA ILE A 26 -1.46 -15.34 8.69
C ILE A 26 -1.73 -15.98 10.05
N SER A 27 -1.68 -17.31 10.10
CA SER A 27 -1.92 -18.04 11.34
C SER A 27 -1.43 -19.47 11.16
N ASN A 28 -1.26 -20.16 12.28
CA ASN A 28 -0.83 -21.56 12.28
C ASN A 28 0.48 -21.74 11.51
N CYS A 29 1.42 -20.82 11.73
CA CYS A 29 2.71 -20.86 11.05
C CYS A 29 3.78 -20.30 11.98
N VAL A 30 5.03 -20.65 11.68
CA VAL A 30 6.18 -20.20 12.45
C VAL A 30 7.11 -19.43 11.50
N ALA A 31 7.50 -18.23 11.91
CA ALA A 31 8.34 -17.36 11.11
C ALA A 31 9.53 -16.89 11.93
N ASP A 32 10.63 -16.63 11.24
CA ASP A 32 11.86 -16.14 11.85
C ASP A 32 12.15 -14.75 11.32
N TYR A 33 12.35 -13.79 12.23
CA TYR A 33 12.61 -12.42 11.82
C TYR A 33 14.05 -12.24 11.33
N SER A 34 15.00 -13.01 11.88
CA SER A 34 16.39 -12.83 11.51
C SER A 34 16.61 -13.13 10.03
N VAL A 35 16.06 -14.24 9.54
CA VAL A 35 16.23 -14.60 8.13
C VAL A 35 15.56 -13.56 7.24
N LEU A 36 14.37 -13.09 7.63
CA LEU A 36 13.69 -12.08 6.83
C LEU A 36 14.52 -10.81 6.74
N TYR A 37 15.08 -10.36 7.87
CA TYR A 37 15.92 -9.17 7.86
C TYR A 37 17.16 -9.37 7.00
N ASN A 38 17.77 -10.56 7.10
CA ASN A 38 18.98 -10.83 6.32
C ASN A 38 18.68 -10.82 4.83
N SER A 39 17.54 -11.39 4.43
CA SER A 39 17.21 -11.54 3.01
C SER A 39 16.35 -10.41 2.47
N ALA A 40 15.64 -9.69 3.32
CA ALA A 40 14.76 -8.60 2.89
C ALA A 40 15.31 -7.27 3.41
N SER A 41 15.32 -6.27 2.53
CA SER A 41 15.79 -4.92 2.86
C SER A 41 14.70 -3.94 2.44
N PHE A 42 13.84 -3.56 3.38
CA PHE A 42 12.75 -2.64 3.08
C PHE A 42 13.26 -1.19 3.13
N SER A 43 12.39 -0.26 2.77
CA SER A 43 12.70 1.16 2.73
C SER A 43 12.12 1.94 3.91
N THR A 44 10.82 1.83 4.14
CA THR A 44 10.14 2.53 5.22
C THR A 44 9.45 1.51 6.11
N PHE A 45 9.65 1.65 7.42
CA PHE A 45 9.10 0.75 8.42
C PHE A 45 8.49 1.58 9.54
N LYS A 46 7.24 1.26 9.92
CA LYS A 46 6.58 1.99 11.00
C LYS A 46 5.67 1.03 11.76
N CYS A 47 5.92 0.90 13.06
CA CYS A 47 5.16 -0.01 13.91
C CYS A 47 4.55 0.75 15.07
N TYR A 48 3.26 0.51 15.32
CA TYR A 48 2.54 1.08 16.46
C TYR A 48 1.95 -0.04 17.31
N GLY A 49 2.04 0.14 18.63
CA GLY A 49 1.48 -0.81 19.56
C GLY A 49 2.42 -1.92 20.00
N VAL A 50 3.62 -2.01 19.43
CA VAL A 50 4.58 -3.04 19.80
C VAL A 50 5.95 -2.63 19.27
N SER A 51 6.98 -2.91 20.05
CA SER A 51 8.34 -2.57 19.64
C SER A 51 8.83 -3.54 18.58
N PRO A 52 9.69 -3.08 17.66
CA PRO A 52 10.21 -4.00 16.64
C PRO A 52 10.97 -5.18 17.21
N THR A 53 11.67 -4.99 18.33
CA THR A 53 12.47 -6.04 18.93
C THR A 53 11.67 -6.96 19.85
N LYS A 54 10.43 -6.61 20.17
CA LYS A 54 9.62 -7.43 21.06
C LYS A 54 8.97 -8.61 20.35
N LEU A 55 8.98 -8.63 19.02
CA LEU A 55 8.33 -9.70 18.26
C LEU A 55 9.09 -11.03 18.35
N ASN A 56 10.27 -11.05 18.95
CA ASN A 56 11.07 -12.26 19.00
C ASN A 56 10.32 -13.39 19.72
N ASP A 57 9.70 -13.08 20.85
CA ASP A 57 9.05 -14.08 21.69
C ASP A 57 7.54 -13.89 21.80
N LEU A 58 6.99 -12.81 21.25
CA LEU A 58 5.55 -12.58 21.33
C LEU A 58 4.80 -13.69 20.61
N CYS A 59 3.77 -14.22 21.27
CA CYS A 59 2.95 -15.29 20.70
C CYS A 59 1.69 -14.68 20.07
N PHE A 60 1.91 -14.01 18.94
CA PHE A 60 0.79 -13.41 18.22
C PHE A 60 -0.22 -14.48 17.83
N THR A 61 -1.50 -14.21 18.12
CA THR A 61 -2.54 -15.19 17.80
C THR A 61 -2.75 -15.30 16.30
N ASN A 62 -2.88 -14.16 15.62
CA ASN A 62 -3.14 -14.12 14.18
C ASN A 62 -2.67 -12.79 13.64
N VAL A 63 -2.51 -12.73 12.32
CA VAL A 63 -2.06 -11.51 11.65
C VAL A 63 -2.80 -11.38 10.32
N TYR A 64 -3.10 -10.14 9.94
CA TYR A 64 -3.73 -9.82 8.68
C TYR A 64 -2.73 -9.09 7.78
N ALA A 65 -2.53 -9.59 6.57
CA ALA A 65 -1.61 -8.97 5.62
C ALA A 65 -2.43 -8.21 4.58
N ASP A 66 -2.30 -6.89 4.59
CA ASP A 66 -3.00 -6.01 3.64
C ASP A 66 -1.96 -5.40 2.72
N SER A 67 -2.00 -5.81 1.44
CA SER A 67 -1.02 -5.36 0.46
C SER A 67 -1.71 -4.48 -0.59
N PHE A 68 -1.06 -3.37 -0.91
CA PHE A 68 -1.60 -2.45 -1.91
C PHE A 68 -0.48 -1.56 -2.43
N VAL A 69 -0.83 -0.66 -3.34
CA VAL A 69 0.11 0.30 -3.93
C VAL A 69 -0.54 1.67 -3.91
N ILE A 70 0.26 2.69 -3.61
CA ILE A 70 -0.21 4.07 -3.51
C ILE A 70 0.83 4.99 -4.14
N ARG A 71 0.55 6.28 -4.12
CA ARG A 71 1.49 7.28 -4.62
C ARG A 71 2.42 7.72 -3.48
N GLY A 72 3.63 8.12 -3.85
CA GLY A 72 4.59 8.54 -2.84
C GLY A 72 4.10 9.72 -2.03
N ASP A 73 3.59 10.75 -2.72
CA ASP A 73 3.07 11.92 -2.02
C ASP A 73 1.89 11.58 -1.14
N GLU A 74 1.20 10.49 -1.41
CA GLU A 74 0.07 10.04 -0.61
C GLU A 74 0.49 9.11 0.52
N VAL A 75 1.79 8.87 0.70
CA VAL A 75 2.24 7.97 1.76
C VAL A 75 1.81 8.50 3.12
N ARG A 76 1.73 9.82 3.29
CA ARG A 76 1.30 10.38 4.56
C ARG A 76 -0.16 10.07 4.86
N GLN A 77 -0.95 9.70 3.86
CA GLN A 77 -2.37 9.44 4.10
C GLN A 77 -2.58 8.27 5.05
N ILE A 78 -1.79 7.21 4.90
CA ILE A 78 -1.95 6.01 5.70
C ILE A 78 -1.31 6.22 7.06
N ALA A 79 -2.08 6.68 8.03
CA ALA A 79 -1.59 6.89 9.39
C ALA A 79 -2.77 7.15 10.33
N PRO A 80 -2.66 6.79 11.61
CA PRO A 80 -3.77 7.04 12.53
C PRO A 80 -4.08 8.52 12.65
N GLY A 81 -5.36 8.84 12.80
CA GLY A 81 -5.78 10.22 12.92
C GLY A 81 -5.43 11.05 11.71
N GLN A 82 -5.61 10.50 10.51
CA GLN A 82 -5.32 11.18 9.26
C GLN A 82 -6.57 11.22 8.40
N THR A 83 -6.81 12.37 7.77
CA THR A 83 -7.95 12.57 6.89
C THR A 83 -7.48 12.93 5.50
N GLY A 84 -8.07 12.30 4.49
CA GLY A 84 -7.70 12.57 3.12
C GLY A 84 -8.53 11.71 2.18
N LYS A 85 -8.27 11.90 0.88
CA LYS A 85 -9.01 11.15 -0.13
C LYS A 85 -8.76 9.66 0.01
N ILE A 86 -7.49 9.25 0.14
CA ILE A 86 -7.17 7.85 0.33
C ILE A 86 -7.77 7.33 1.63
N ALA A 87 -7.65 8.11 2.71
CA ALA A 87 -8.12 7.65 4.01
C ALA A 87 -9.64 7.50 4.03
N ASP A 88 -10.36 8.42 3.39
CA ASP A 88 -11.81 8.46 3.49
C ASP A 88 -12.50 7.68 2.38
N TYR A 89 -12.26 8.06 1.12
CA TYR A 89 -13.03 7.56 0.00
C TYR A 89 -12.48 6.28 -0.60
N ASN A 90 -11.31 5.83 -0.18
CA ASN A 90 -10.68 4.63 -0.73
C ASN A 90 -10.39 3.56 0.31
N TYR A 91 -9.89 3.94 1.48
CA TYR A 91 -9.54 2.96 2.51
C TYR A 91 -9.50 3.67 3.85
N LYS A 92 -10.43 3.32 4.74
CA LYS A 92 -10.51 3.90 6.07
C LYS A 92 -10.17 2.86 7.12
N LEU A 93 -9.43 3.27 8.12
CA LEU A 93 -8.98 2.40 9.21
C LEU A 93 -9.30 3.05 10.54
N PRO A 94 -9.36 2.26 11.61
CA PRO A 94 -9.64 2.83 12.93
C PRO A 94 -8.59 3.86 13.32
N ASP A 95 -9.03 4.89 14.06
CA ASP A 95 -8.12 5.94 14.47
C ASP A 95 -7.00 5.39 15.35
N ASP A 96 -7.33 4.51 16.28
CA ASP A 96 -6.34 3.89 17.17
C ASP A 96 -5.77 2.62 16.52
N PHE A 97 -5.24 2.79 15.31
CA PHE A 97 -4.69 1.68 14.57
C PHE A 97 -3.42 1.16 15.24
N THR A 98 -3.29 -0.16 15.28
CA THR A 98 -2.11 -0.82 15.84
C THR A 98 -1.65 -1.90 14.87
N GLY A 99 -0.33 -1.98 14.67
CA GLY A 99 0.25 -2.94 13.76
C GLY A 99 1.49 -2.36 13.11
N CYS A 100 2.01 -3.09 12.13
CA CYS A 100 3.22 -2.70 11.42
C CYS A 100 2.89 -2.40 9.96
N VAL A 101 3.68 -1.51 9.37
CA VAL A 101 3.56 -1.16 7.96
C VAL A 101 4.95 -1.08 7.36
N ILE A 102 5.14 -1.71 6.20
CA ILE A 102 6.40 -1.69 5.47
C ILE A 102 6.11 -1.19 4.06
N ALA A 103 6.77 -0.12 3.65
CA ALA A 103 6.59 0.48 2.34
C ALA A 103 7.91 0.47 1.59
N TRP A 104 7.87 0.06 0.32
CA TRP A 104 9.05 0.02 -0.53
C TRP A 104 8.69 0.57 -1.90
N ASN A 105 9.71 0.72 -2.74
CA ASN A 105 9.57 1.31 -4.07
C ASN A 105 9.99 0.32 -5.13
N SER A 106 9.29 0.35 -6.27
CA SER A 106 9.57 -0.51 -7.41
C SER A 106 9.71 0.31 -8.68
N ASN A 107 10.35 1.48 -8.57
CA ASN A 107 10.50 2.36 -9.73
C ASN A 107 11.30 1.67 -10.82
N ASN A 108 12.42 1.04 -10.48
CA ASN A 108 13.22 0.34 -11.46
C ASN A 108 12.57 -0.97 -11.89
N LEU A 109 12.01 -1.72 -10.93
CA LEU A 109 11.38 -2.99 -11.26
C LEU A 109 10.16 -2.78 -12.15
N ASP A 110 9.34 -1.78 -11.86
CA ASP A 110 8.13 -1.48 -12.60
C ASP A 110 8.29 -0.28 -13.52
N SER A 111 9.47 -0.12 -14.12
CA SER A 111 9.75 1.01 -15.02
C SER A 111 9.17 0.70 -16.40
N LYS A 112 7.84 0.65 -16.45
CA LYS A 112 7.11 0.39 -17.69
C LYS A 112 6.90 1.71 -18.41
N VAL A 113 7.77 2.00 -19.38
CA VAL A 113 7.70 3.26 -20.11
C VAL A 113 6.57 3.18 -21.13
N GLY A 114 5.69 4.17 -21.11
CA GLY A 114 4.60 4.25 -22.06
C GLY A 114 3.26 3.81 -21.50
N GLY A 115 2.43 4.78 -21.15
CA GLY A 115 1.10 4.49 -20.65
C GLY A 115 1.08 3.53 -19.48
N ASN A 116 1.71 3.92 -18.36
CA ASN A 116 1.75 3.08 -17.17
C ASN A 116 0.49 3.34 -16.34
N TYR A 117 -0.64 2.94 -16.90
CA TYR A 117 -1.95 3.11 -16.27
C TYR A 117 -2.44 1.82 -15.62
N ASN A 118 -1.53 0.94 -15.23
CA ASN A 118 -1.93 -0.32 -14.60
C ASN A 118 -2.55 -0.11 -13.23
N TYR A 119 -2.39 1.07 -12.64
CA TYR A 119 -2.92 1.37 -11.32
C TYR A 119 -4.13 2.29 -11.46
N LEU A 120 -5.24 1.92 -10.82
CA LEU A 120 -6.47 2.68 -10.85
C LEU A 120 -6.89 3.03 -9.43
N TYR A 121 -7.54 4.18 -9.28
CA TYR A 121 -7.96 4.65 -7.97
C TYR A 121 -9.28 5.42 -8.11
N ARG A 122 -10.11 5.33 -7.08
CA ARG A 122 -11.41 5.98 -7.09
C ARG A 122 -11.25 7.47 -6.83
N LEU A 123 -11.74 8.29 -7.75
CA LEU A 123 -11.61 9.74 -7.61
C LEU A 123 -12.42 10.25 -6.42
N PHE A 124 -13.69 9.88 -6.34
CA PHE A 124 -14.57 10.39 -5.29
C PHE A 124 -15.72 9.40 -5.10
N ARG A 125 -16.42 9.56 -3.98
CA ARG A 125 -17.60 8.76 -3.67
C ARG A 125 -18.61 9.63 -2.94
N LYS A 126 -19.88 9.22 -3.01
CA LYS A 126 -20.94 10.02 -2.39
C LYS A 126 -20.77 10.11 -0.89
N SER A 127 -20.44 9.00 -0.24
CA SER A 127 -20.36 8.91 1.21
C SER A 127 -18.94 8.57 1.64
N ASN A 128 -18.71 8.60 2.95
CA ASN A 128 -17.43 8.29 3.55
C ASN A 128 -17.42 6.86 4.05
N LEU A 129 -16.38 6.11 3.69
CA LEU A 129 -16.26 4.73 4.11
C LEU A 129 -15.91 4.65 5.60
N LYS A 130 -16.27 3.53 6.21
CA LYS A 130 -16.01 3.26 7.62
C LYS A 130 -14.77 2.40 7.77
N PRO A 131 -14.29 2.23 9.00
CA PRO A 131 -13.10 1.38 9.21
C PRO A 131 -13.33 -0.03 8.71
N PHE A 132 -12.29 -0.61 8.11
CA PHE A 132 -12.33 -1.98 7.61
C PHE A 132 -13.53 -2.18 6.67
N GLU A 133 -13.67 -1.27 5.71
CA GLU A 133 -14.72 -1.35 4.71
C GLU A 133 -14.12 -1.16 3.33
N ARG A 134 -14.72 -1.82 2.34
CA ARG A 134 -14.24 -1.74 0.97
C ARG A 134 -15.42 -1.93 0.01
N ASP A 135 -15.25 -1.43 -1.21
CA ASP A 135 -16.26 -1.55 -2.24
C ASP A 135 -15.58 -1.53 -3.60
N ILE A 136 -16.17 -2.24 -4.56
CA ILE A 136 -15.62 -2.33 -5.91
C ILE A 136 -16.68 -1.95 -6.92
N SER A 137 -17.71 -1.23 -6.49
CA SER A 137 -18.77 -0.82 -7.39
C SER A 137 -18.29 0.31 -8.29
N THR A 138 -19.01 0.49 -9.40
CA THR A 138 -18.72 1.52 -10.39
C THR A 138 -19.85 2.54 -10.45
N GLU A 139 -20.39 2.90 -9.29
CA GLU A 139 -21.47 3.87 -9.24
C GLU A 139 -20.96 5.24 -9.70
N ILE A 140 -21.80 5.94 -10.46
CA ILE A 140 -21.45 7.25 -11.00
C ILE A 140 -21.76 8.30 -9.94
N TYR A 141 -20.74 9.04 -9.53
CA TYR A 141 -20.89 10.09 -8.51
C TYR A 141 -21.23 11.39 -9.23
N GLN A 142 -22.53 11.63 -9.42
CA GLN A 142 -22.98 12.80 -10.16
C GLN A 142 -22.97 14.05 -9.29
N ALA A 143 -23.80 14.07 -8.25
CA ALA A 143 -23.87 15.22 -7.34
C ALA A 143 -23.96 16.54 -8.09
N GLY A 144 -24.83 16.58 -9.10
CA GLY A 144 -24.97 17.78 -9.90
C GLY A 144 -26.03 17.59 -10.96
N SER A 145 -26.15 18.62 -11.81
CA SER A 145 -27.13 18.60 -12.89
C SER A 145 -26.64 17.88 -14.13
N THR A 146 -25.41 17.40 -14.14
CA THR A 146 -24.90 16.69 -15.30
C THR A 146 -25.71 15.41 -15.53
N PRO A 147 -25.94 15.00 -16.77
CA PRO A 147 -26.66 13.75 -17.00
C PRO A 147 -25.92 12.57 -16.40
N CYS A 148 -26.70 11.60 -15.91
CA CYS A 148 -26.16 10.42 -15.25
C CYS A 148 -25.54 9.50 -16.29
N ASN A 149 -24.34 9.87 -16.74
CA ASN A 149 -23.61 9.09 -17.73
C ASN A 149 -22.14 9.00 -17.31
N GLY A 150 -21.49 7.92 -17.75
CA GLY A 150 -20.11 7.70 -17.43
C GLY A 150 -19.15 8.36 -18.40
N VAL A 151 -19.03 9.68 -18.32
CA VAL A 151 -18.17 10.47 -19.19
C VAL A 151 -17.06 11.07 -18.35
N GLU A 152 -15.82 10.89 -18.80
CA GLU A 152 -14.65 11.41 -18.09
C GLU A 152 -14.27 12.76 -18.69
N GLY A 153 -14.21 13.79 -17.86
CA GLY A 153 -13.86 15.11 -18.31
C GLY A 153 -14.44 16.17 -17.38
N PHE A 154 -14.44 17.40 -17.88
CA PHE A 154 -14.98 18.51 -17.12
C PHE A 154 -16.50 18.38 -17.02
N ASN A 155 -17.04 18.77 -15.86
CA ASN A 155 -18.46 18.70 -15.55
C ASN A 155 -18.99 17.27 -15.49
N CYS A 156 -18.11 16.28 -15.44
CA CYS A 156 -18.52 14.88 -15.35
C CYS A 156 -17.36 14.09 -14.76
N TYR A 157 -17.54 13.59 -13.54
CA TYR A 157 -16.47 12.92 -12.82
C TYR A 157 -16.66 11.40 -12.92
N PHE A 158 -15.67 10.73 -13.51
CA PHE A 158 -15.69 9.28 -13.58
C PHE A 158 -15.39 8.69 -12.20
N PRO A 159 -16.04 7.58 -11.82
CA PRO A 159 -15.76 7.00 -10.49
C PRO A 159 -14.31 6.63 -10.28
N LEU A 160 -13.60 6.19 -11.32
CA LEU A 160 -12.22 5.74 -11.21
C LEU A 160 -11.35 6.48 -12.22
N GLN A 161 -10.05 6.51 -11.95
CA GLN A 161 -9.09 7.15 -12.83
C GLN A 161 -7.74 6.45 -12.69
N SER A 162 -6.92 6.58 -13.72
CA SER A 162 -5.61 5.94 -13.77
C SER A 162 -4.53 6.92 -13.33
N TYR A 163 -3.71 6.50 -12.39
CA TYR A 163 -2.62 7.35 -11.90
C TYR A 163 -1.59 7.56 -12.99
N GLY A 164 -1.06 8.78 -13.07
CA GLY A 164 -0.03 9.12 -14.03
C GLY A 164 1.37 8.93 -13.50
N PHE A 165 1.77 7.67 -13.29
CA PHE A 165 3.09 7.34 -12.78
C PHE A 165 4.02 7.04 -13.94
N GLN A 166 5.19 7.69 -13.94
CA GLN A 166 6.21 7.45 -14.95
C GLN A 166 7.57 7.43 -14.27
N PRO A 167 8.54 6.70 -14.84
CA PRO A 167 9.87 6.66 -14.22
C PRO A 167 10.54 8.03 -14.15
N THR A 168 10.29 8.90 -15.11
CA THR A 168 10.93 10.22 -15.15
C THR A 168 10.22 11.25 -14.27
N ASN A 169 9.10 10.88 -13.66
CA ASN A 169 8.38 11.82 -12.80
C ASN A 169 9.17 12.06 -11.51
N GLY A 170 8.63 12.93 -10.66
CA GLY A 170 9.30 13.23 -9.41
C GLY A 170 9.28 12.08 -8.44
N VAL A 171 10.16 12.18 -7.43
CA VAL A 171 10.27 11.11 -6.43
C VAL A 171 8.95 10.96 -5.69
N GLY A 172 8.33 12.07 -5.30
CA GLY A 172 7.07 12.00 -4.58
C GLY A 172 5.97 11.33 -5.36
N TYR A 173 6.04 11.37 -6.69
CA TYR A 173 5.03 10.77 -7.55
C TYR A 173 5.33 9.31 -7.87
N GLN A 174 6.46 8.77 -7.42
CA GLN A 174 6.79 7.39 -7.71
C GLN A 174 5.86 6.45 -6.95
N PRO A 175 5.58 5.27 -7.49
CA PRO A 175 4.71 4.32 -6.79
C PRO A 175 5.37 3.79 -5.54
N TYR A 176 4.53 3.41 -4.57
CA TYR A 176 4.99 2.85 -3.30
C TYR A 176 4.12 1.65 -2.97
N ARG A 177 4.75 0.48 -2.85
CA ARG A 177 4.05 -0.74 -2.46
C ARG A 177 4.09 -0.86 -0.94
N VAL A 178 2.90 -0.98 -0.34
CA VAL A 178 2.76 -0.97 1.11
C VAL A 178 2.12 -2.28 1.54
N VAL A 179 2.74 -2.93 2.54
CA VAL A 179 2.22 -4.14 3.16
C VAL A 179 2.04 -3.87 4.64
N VAL A 180 0.84 -4.09 5.14
CA VAL A 180 0.48 -3.80 6.53
C VAL A 180 0.18 -5.11 7.23
N LEU A 181 0.89 -5.38 8.32
CA LEU A 181 0.64 -6.52 9.18
C LEU A 181 -0.16 -6.02 10.38
N SER A 182 -1.45 -6.34 10.39
CA SER A 182 -2.34 -5.94 11.47
C SER A 182 -2.45 -7.07 12.48
N PHE A 183 -2.26 -6.74 13.77
CA PHE A 183 -2.30 -7.70 14.85
C PHE A 183 -3.61 -7.54 15.61
N GLU A 184 -4.28 -8.66 15.87
CA GLU A 184 -5.53 -8.68 16.62
C GLU A 184 -5.32 -9.59 17.83
N LEU A 185 -4.83 -9.00 18.93
CA LEU A 185 -4.54 -9.75 20.14
C LEU A 185 -5.81 -9.87 20.98
N LEU A 186 -6.76 -10.63 20.44
CA LEU A 186 -8.03 -10.86 21.10
C LEU A 186 -7.98 -12.17 21.90
N HIS A 187 -9.11 -12.54 22.49
CA HIS A 187 -9.21 -13.77 23.29
C HIS A 187 -9.44 -14.96 22.36
N ALA A 188 -8.38 -15.32 21.64
CA ALA A 188 -8.39 -16.42 20.69
C ALA A 188 -7.16 -17.28 20.90
N PRO A 189 -7.19 -18.54 20.47
CA PRO A 189 -6.03 -19.41 20.65
C PRO A 189 -4.80 -18.85 19.94
N ALA A 190 -3.64 -19.07 20.56
CA ALA A 190 -2.37 -18.63 20.00
C ALA A 190 -1.83 -19.68 19.05
N THR A 191 -1.46 -19.26 17.84
CA THR A 191 -0.97 -20.16 16.82
C THR A 191 0.35 -19.73 16.17
N VAL A 192 0.79 -18.50 16.38
CA VAL A 192 2.04 -17.99 15.82
C VAL A 192 2.98 -17.68 16.97
N CYS A 193 4.16 -18.29 16.96
CA CYS A 193 5.14 -18.09 18.00
C CYS A 193 6.52 -18.46 17.46
N GLY A 194 7.55 -17.99 18.15
CA GLY A 194 8.92 -18.28 17.76
C GLY A 194 9.43 -19.59 18.32
N HIS B 1 -10.80 -0.98 -26.17
CA HIS B 1 -12.00 -1.68 -25.62
C HIS B 1 -11.64 -3.10 -25.18
N VAL B 2 -12.32 -3.58 -24.14
CA VAL B 2 -12.10 -4.91 -23.59
C VAL B 2 -13.37 -5.72 -23.79
N GLN B 3 -13.25 -6.86 -24.47
CA GLN B 3 -14.36 -7.76 -24.72
C GLN B 3 -14.31 -8.89 -23.69
N LEU B 4 -15.18 -8.81 -22.69
CA LEU B 4 -15.23 -9.79 -21.62
C LEU B 4 -16.22 -10.92 -21.87
N VAL B 5 -16.84 -10.95 -23.05
CA VAL B 5 -17.81 -11.99 -23.36
C VAL B 5 -17.13 -13.35 -23.30
N GLU B 6 -17.77 -14.30 -22.62
CA GLU B 6 -17.23 -15.64 -22.45
C GLU B 6 -18.02 -16.68 -23.25
N SER B 7 -19.33 -16.75 -23.05
CA SER B 7 -20.17 -17.71 -23.76
C SER B 7 -21.60 -17.23 -23.74
N GLY B 8 -22.39 -17.73 -24.69
CA GLY B 8 -23.79 -17.37 -24.79
C GLY B 8 -24.64 -18.03 -23.71
N GLY B 9 -24.28 -19.25 -23.34
CA GLY B 9 -25.02 -19.99 -22.34
C GLY B 9 -25.03 -21.47 -22.68
N GLY B 10 -25.90 -22.19 -22.00
CA GLY B 10 -26.04 -23.61 -22.23
C GLY B 10 -27.10 -24.20 -21.33
N LEU B 11 -27.38 -25.48 -21.56
CA LEU B 11 -28.38 -26.19 -20.78
C LEU B 11 -27.82 -26.53 -19.39
N VAL B 12 -28.75 -26.71 -18.44
CA VAL B 12 -28.42 -27.05 -17.07
C VAL B 12 -29.20 -28.30 -16.68
N GLN B 13 -28.49 -29.28 -16.13
CA GLN B 13 -29.10 -30.53 -15.67
C GLN B 13 -29.41 -30.45 -14.18
N ALA B 14 -30.21 -31.40 -13.72
CA ALA B 14 -30.56 -31.45 -12.30
C ALA B 14 -29.32 -31.67 -11.46
N GLY B 15 -29.05 -30.73 -10.55
CA GLY B 15 -27.86 -30.82 -9.72
C GLY B 15 -26.58 -30.84 -10.52
N GLY B 16 -26.52 -30.08 -11.61
CA GLY B 16 -25.37 -30.05 -12.46
C GLY B 16 -24.26 -29.15 -11.93
N SER B 17 -23.14 -29.16 -12.65
CA SER B 17 -21.99 -28.35 -12.30
C SER B 17 -21.31 -27.89 -13.58
N LEU B 18 -21.24 -26.58 -13.77
CA LEU B 18 -20.64 -25.98 -14.96
C LEU B 18 -19.39 -25.21 -14.56
N ARG B 19 -18.31 -25.39 -15.31
CA ARG B 19 -17.03 -24.74 -15.06
C ARG B 19 -16.69 -23.89 -16.27
N LEU B 20 -17.14 -22.63 -16.24
CA LEU B 20 -16.86 -21.70 -17.32
C LEU B 20 -15.39 -21.26 -17.27
N SER B 21 -14.93 -20.69 -18.37
CA SER B 21 -13.56 -20.17 -18.46
C SER B 21 -13.59 -18.84 -19.19
N CYS B 22 -13.15 -17.77 -18.53
CA CYS B 22 -13.13 -16.46 -19.16
C CYS B 22 -12.07 -16.41 -20.25
N ALA B 23 -12.43 -15.80 -21.38
CA ALA B 23 -11.49 -15.70 -22.49
C ALA B 23 -10.27 -14.86 -22.11
N ALA B 24 -10.49 -13.74 -21.41
CA ALA B 24 -9.41 -12.86 -20.99
C ALA B 24 -8.54 -12.45 -22.17
N SER B 25 -9.21 -12.12 -23.29
CA SER B 25 -8.54 -11.72 -24.51
C SER B 25 -9.09 -10.37 -24.95
N GLY B 26 -8.18 -9.49 -25.39
CA GLY B 26 -8.57 -8.18 -25.86
C GLY B 26 -7.45 -7.15 -25.72
N SER B 27 -7.78 -5.98 -25.19
CA SER B 27 -6.81 -4.90 -25.01
C SER B 27 -6.06 -5.10 -23.71
N ILE B 28 -5.31 -4.08 -23.29
CA ILE B 28 -4.54 -4.17 -22.05
C ILE B 28 -5.49 -4.37 -20.87
N PHE B 29 -5.17 -5.33 -20.01
CA PHE B 29 -5.97 -5.64 -18.85
C PHE B 29 -5.39 -4.98 -17.61
N SER B 30 -6.04 -5.21 -16.47
CA SER B 30 -5.59 -4.66 -15.20
C SER B 30 -6.14 -5.52 -14.08
N SER B 31 -5.54 -5.37 -12.89
CA SER B 31 -5.96 -6.10 -11.71
C SER B 31 -7.11 -5.35 -11.04
N ASN B 32 -8.28 -5.43 -11.68
CA ASN B 32 -9.48 -4.76 -11.24
C ASN B 32 -10.48 -5.77 -10.72
N ALA B 33 -11.09 -5.47 -9.58
CA ALA B 33 -12.09 -6.36 -9.00
C ALA B 33 -13.30 -6.47 -9.90
N MET B 34 -13.97 -7.61 -9.85
CA MET B 34 -15.14 -7.90 -10.67
C MET B 34 -16.32 -8.25 -9.78
N SER B 35 -17.51 -8.18 -10.37
CA SER B 35 -18.74 -8.50 -9.66
C SER B 35 -19.64 -9.37 -10.55
N TRP B 36 -20.38 -10.26 -9.89
CA TRP B 36 -21.21 -11.26 -10.55
C TRP B 36 -22.63 -11.06 -10.03
N TYR B 37 -23.57 -10.78 -10.92
CA TYR B 37 -24.92 -10.40 -10.55
C TYR B 37 -25.94 -11.30 -11.25
N ARG B 38 -27.15 -11.33 -10.69
CA ARG B 38 -28.24 -12.15 -11.19
C ARG B 38 -29.42 -11.27 -11.59
N GLN B 39 -30.14 -11.70 -12.62
CA GLN B 39 -31.37 -11.04 -13.04
C GLN B 39 -32.41 -12.09 -13.41
N ALA B 40 -33.67 -11.72 -13.28
CA ALA B 40 -34.78 -12.60 -13.62
C ALA B 40 -36.08 -11.79 -13.52
N PRO B 41 -37.15 -12.24 -14.18
CA PRO B 41 -38.42 -11.52 -14.09
C PRO B 41 -38.91 -11.44 -12.65
N GLY B 42 -39.47 -10.28 -12.29
CA GLY B 42 -39.99 -10.06 -10.97
C GLY B 42 -38.96 -9.75 -9.91
N LYS B 43 -37.69 -9.69 -10.27
CA LYS B 43 -36.61 -9.40 -9.32
C LYS B 43 -35.64 -8.42 -9.94
N GLN B 44 -35.14 -7.49 -9.12
CA GLN B 44 -34.17 -6.51 -9.57
C GLN B 44 -32.77 -7.10 -9.49
N ARG B 45 -31.75 -6.29 -9.73
CA ARG B 45 -30.38 -6.77 -9.66
C ARG B 45 -30.04 -7.19 -8.23
N GLU B 46 -29.33 -8.30 -8.11
CA GLU B 46 -28.93 -8.85 -6.82
C GLU B 46 -27.41 -8.96 -6.76
N LEU B 47 -26.85 -8.61 -5.62
CA LEU B 47 -25.40 -8.72 -5.38
C LEU B 47 -25.10 -10.17 -5.06
N VAL B 48 -24.73 -10.94 -6.08
CA VAL B 48 -24.46 -12.36 -5.90
C VAL B 48 -23.02 -12.59 -5.45
N ALA B 49 -22.05 -11.98 -6.10
CA ALA B 49 -20.66 -12.16 -5.71
C ALA B 49 -19.83 -10.94 -6.08
N SER B 50 -18.76 -10.72 -5.32
CA SER B 50 -17.82 -9.64 -5.58
C SER B 50 -16.42 -10.16 -5.27
N ILE B 51 -15.55 -10.21 -6.27
CA ILE B 51 -14.22 -10.79 -6.14
C ILE B 51 -13.18 -9.70 -6.37
N THR B 52 -12.21 -9.62 -5.48
CA THR B 52 -11.12 -8.66 -5.59
C THR B 52 -10.03 -9.21 -6.50
N SER B 53 -8.87 -8.56 -6.51
CA SER B 53 -7.76 -8.96 -7.37
C SER B 53 -6.97 -10.12 -6.74
N GLY B 54 -7.68 -11.24 -6.56
CA GLY B 54 -7.08 -12.44 -6.03
C GLY B 54 -7.02 -12.54 -4.53
N GLY B 55 -7.42 -11.48 -3.81
CA GLY B 55 -7.39 -11.52 -2.36
C GLY B 55 -8.44 -12.42 -1.77
N ASN B 56 -9.71 -12.05 -1.93
CA ASN B 56 -10.82 -12.84 -1.42
C ASN B 56 -12.07 -12.45 -2.18
N ALA B 57 -13.12 -13.26 -2.03
CA ALA B 57 -14.39 -13.02 -2.71
C ALA B 57 -15.52 -13.12 -1.69
N ASP B 58 -16.46 -12.19 -1.78
CA ASP B 58 -17.62 -12.14 -0.90
C ASP B 58 -18.85 -12.59 -1.68
N TYR B 59 -19.61 -13.52 -1.10
CA TYR B 59 -20.79 -14.09 -1.73
C TYR B 59 -21.99 -13.96 -0.81
N ALA B 60 -23.18 -13.89 -1.41
CA ALA B 60 -24.41 -13.84 -0.65
C ALA B 60 -24.65 -15.16 0.06
N ASP B 61 -25.47 -15.12 1.11
CA ASP B 61 -25.72 -16.33 1.89
C ASP B 61 -26.34 -17.42 1.04
N SER B 62 -27.31 -17.07 0.19
CA SER B 62 -27.93 -18.07 -0.66
C SER B 62 -26.93 -18.68 -1.63
N VAL B 63 -26.05 -17.85 -2.21
CA VAL B 63 -25.10 -18.31 -3.21
C VAL B 63 -23.75 -18.67 -2.62
N LYS B 64 -23.59 -18.58 -1.30
CA LYS B 64 -22.30 -18.87 -0.68
C LYS B 64 -21.89 -20.31 -0.92
N GLY B 65 -20.63 -20.50 -1.32
CA GLY B 65 -20.07 -21.83 -1.45
C GLY B 65 -20.44 -22.56 -2.73
N ARG B 66 -21.74 -22.66 -3.01
CA ARG B 66 -22.19 -23.45 -4.16
C ARG B 66 -21.99 -22.69 -5.48
N PHE B 67 -21.63 -21.42 -5.40
CA PHE B 67 -20.96 -20.68 -6.47
C PHE B 67 -19.67 -20.11 -5.90
N THR B 68 -18.60 -20.13 -6.69
CA THR B 68 -17.32 -19.58 -6.26
C THR B 68 -16.55 -19.05 -7.45
N ILE B 69 -15.68 -18.08 -7.19
CA ILE B 69 -14.82 -17.48 -8.20
C ILE B 69 -13.43 -17.37 -7.62
N SER B 70 -12.40 -17.58 -8.47
CA SER B 70 -11.02 -17.41 -8.08
C SER B 70 -10.33 -16.49 -9.08
N ARG B 71 -9.45 -15.62 -8.58
CA ARG B 71 -8.69 -14.71 -9.41
C ARG B 71 -7.22 -15.08 -9.31
N ASP B 72 -6.57 -15.30 -10.45
CA ASP B 72 -5.15 -15.67 -10.48
C ASP B 72 -4.54 -15.18 -11.79
N LYS B 73 -3.46 -14.42 -11.68
CA LYS B 73 -2.72 -13.89 -12.84
C LYS B 73 -3.67 -13.29 -13.87
N ASN B 74 -4.51 -12.36 -13.40
CA ASN B 74 -5.45 -11.65 -14.26
C ASN B 74 -6.34 -12.63 -15.03
N THR B 75 -6.73 -13.72 -14.37
CA THR B 75 -7.58 -14.74 -14.94
C THR B 75 -8.65 -15.14 -13.94
N VAL B 76 -9.88 -15.33 -14.43
CA VAL B 76 -11.03 -15.67 -13.59
C VAL B 76 -11.35 -17.14 -13.81
N TYR B 77 -11.33 -17.91 -12.74
CA TYR B 77 -11.73 -19.32 -12.77
C TYR B 77 -13.02 -19.47 -11.96
N PRO B 78 -14.17 -19.66 -12.61
CA PRO B 78 -15.42 -19.92 -11.86
C PRO B 78 -15.63 -21.39 -11.57
N GLU B 79 -16.08 -21.70 -10.35
CA GLU B 79 -16.43 -23.06 -9.96
C GLU B 79 -17.88 -23.06 -9.49
N MET B 80 -18.74 -23.75 -10.23
CA MET B 80 -20.17 -23.81 -9.95
C MET B 80 -20.59 -25.27 -9.80
N SER B 81 -21.49 -25.52 -8.85
CA SER B 81 -21.99 -26.86 -8.60
C SER B 81 -23.34 -26.74 -7.90
N SER B 82 -24.07 -27.85 -7.90
CA SER B 82 -25.37 -27.93 -7.25
C SER B 82 -26.34 -26.90 -7.84
N LEU B 83 -26.61 -27.07 -9.14
CA LEU B 83 -27.54 -26.20 -9.85
C LEU B 83 -28.94 -26.79 -9.79
N LYS B 84 -29.92 -25.96 -9.43
CA LYS B 84 -31.30 -26.39 -9.26
C LYS B 84 -32.22 -25.60 -10.17
N PRO B 85 -33.48 -26.00 -10.31
CA PRO B 85 -34.39 -25.25 -11.20
C PRO B 85 -34.53 -23.78 -10.81
N ALA B 86 -34.35 -23.45 -9.53
CA ALA B 86 -34.43 -22.07 -9.09
C ALA B 86 -33.31 -21.21 -9.64
N ASP B 87 -32.28 -21.80 -10.23
CA ASP B 87 -31.15 -21.06 -10.77
C ASP B 87 -31.39 -20.56 -12.18
N THR B 88 -32.55 -20.84 -12.78
CA THR B 88 -32.87 -20.35 -14.11
C THR B 88 -32.96 -18.83 -14.08
N ALA B 89 -31.97 -18.15 -14.65
CA ALA B 89 -31.85 -16.70 -14.52
C ALA B 89 -30.91 -16.20 -15.61
N VAL B 90 -30.47 -14.95 -15.48
CA VAL B 90 -29.50 -14.35 -16.38
C VAL B 90 -28.33 -13.84 -15.55
N TYR B 91 -27.11 -14.26 -15.90
CA TYR B 91 -25.90 -13.83 -15.22
C TYR B 91 -25.36 -12.57 -15.89
N TYR B 92 -24.90 -11.63 -15.06
CA TYR B 92 -24.32 -10.38 -15.53
C TYR B 92 -22.95 -10.19 -14.88
N CYS B 93 -22.01 -9.69 -15.67
CA CYS B 93 -20.64 -9.44 -15.22
C CYS B 93 -20.37 -7.96 -15.20
N HIS B 94 -19.84 -7.46 -14.08
CA HIS B 94 -19.50 -6.06 -13.91
C HIS B 94 -18.01 -5.93 -13.68
N ALA B 95 -17.37 -5.10 -14.51
CA ALA B 95 -15.93 -4.88 -14.43
C ALA B 95 -15.62 -3.39 -14.38
N VAL B 96 -14.34 -3.04 -14.47
CA VAL B 96 -13.88 -1.65 -14.40
C VAL B 96 -13.29 -1.28 -15.76
N GLY B 97 -13.80 -0.20 -16.35
CA GLY B 97 -13.28 0.30 -17.60
C GLY B 97 -12.97 1.78 -17.54
N GLN B 98 -11.71 2.15 -17.72
CA GLN B 98 -11.26 3.53 -17.63
C GLN B 98 -11.03 4.17 -18.99
N GLU B 99 -10.23 3.52 -19.84
CA GLU B 99 -9.90 4.07 -21.16
C GLU B 99 -11.06 3.82 -22.11
N ALA B 100 -12.20 4.45 -21.80
CA ALA B 100 -13.40 4.33 -22.62
C ALA B 100 -14.13 5.65 -22.77
N SER B 101 -13.46 6.77 -22.55
CA SER B 101 -14.07 8.09 -22.65
C SER B 101 -13.94 8.70 -24.03
N ALA B 102 -13.37 7.98 -25.00
CA ALA B 102 -13.14 8.51 -26.32
C ALA B 102 -14.33 8.27 -27.25
N TYR B 103 -14.80 7.03 -27.33
CA TYR B 103 -15.88 6.67 -28.26
C TYR B 103 -17.03 5.89 -27.62
N ALA B 104 -16.91 5.48 -26.36
CA ALA B 104 -17.97 4.72 -25.68
C ALA B 104 -17.88 4.97 -24.18
N PRO B 105 -18.33 6.15 -23.73
CA PRO B 105 -18.29 6.45 -22.29
C PRO B 105 -19.29 5.64 -21.50
N ARG B 106 -19.16 4.31 -21.53
CA ARG B 106 -20.07 3.42 -20.82
C ARG B 106 -19.26 2.35 -20.11
N ALA B 107 -19.83 1.83 -19.02
CA ALA B 107 -19.17 0.78 -18.27
C ALA B 107 -19.16 -0.53 -19.05
N TYR B 108 -18.12 -1.34 -18.82
CA TYR B 108 -17.96 -2.61 -19.51
C TYR B 108 -18.92 -3.63 -18.90
N TRP B 109 -20.16 -3.60 -19.39
CA TRP B 109 -21.20 -4.53 -18.98
C TRP B 109 -21.31 -5.64 -20.01
N GLY B 110 -20.88 -6.85 -19.62
CA GLY B 110 -20.94 -7.97 -20.53
C GLY B 110 -22.36 -8.40 -20.83
N GLN B 111 -22.52 -9.06 -21.97
CA GLN B 111 -23.83 -9.54 -22.37
C GLN B 111 -24.36 -10.56 -21.37
N GLY B 112 -25.62 -10.41 -21.00
CA GLY B 112 -26.24 -11.32 -20.06
C GLY B 112 -26.27 -12.76 -20.56
N THR B 113 -25.82 -13.69 -19.73
CA THR B 113 -25.77 -15.10 -20.09
C THR B 113 -26.99 -15.79 -19.49
N GLN B 114 -27.91 -16.25 -20.33
CA GLN B 114 -29.12 -16.89 -19.86
C GLN B 114 -28.86 -18.36 -19.53
N VAL B 115 -29.33 -18.79 -18.37
CA VAL B 115 -29.20 -20.18 -17.93
C VAL B 115 -30.57 -20.69 -17.54
N THR B 116 -30.92 -21.87 -18.05
CA THR B 116 -32.19 -22.51 -17.74
C THR B 116 -31.97 -24.01 -17.56
N VAL B 117 -32.80 -24.62 -16.73
CA VAL B 117 -32.69 -26.05 -16.43
C VAL B 117 -33.63 -26.80 -17.34
N SER B 118 -33.08 -27.70 -18.16
CA SER B 118 -33.87 -28.49 -19.09
C SER B 118 -33.04 -29.66 -19.62
N SER B 119 -33.60 -30.87 -19.58
CA SER B 119 -32.91 -32.05 -20.06
C SER B 119 -32.80 -32.04 -21.58
N VAL C 1 11.04 29.63 16.84
CA VAL C 1 11.26 28.21 17.02
C VAL C 1 11.99 27.63 15.81
N GLN C 2 13.31 27.49 15.92
CA GLN C 2 14.12 26.95 14.84
C GLN C 2 15.25 26.12 15.42
N LEU C 3 15.72 25.16 14.64
CA LEU C 3 16.81 24.29 15.06
C LEU C 3 18.13 25.04 15.02
N VAL C 4 18.92 24.92 16.09
CA VAL C 4 20.22 25.58 16.18
C VAL C 4 21.30 24.55 15.87
N GLU C 5 22.32 24.99 15.14
CA GLU C 5 23.45 24.13 14.76
C GLU C 5 24.73 24.94 15.00
N SER C 6 25.33 24.79 16.18
CA SER C 6 26.51 25.55 16.52
C SER C 6 27.77 24.85 16.01
N GLY C 7 28.87 25.60 15.99
CA GLY C 7 30.13 25.08 15.50
C GLY C 7 30.22 25.13 13.98
N GLY C 8 31.30 24.55 13.47
CA GLY C 8 31.54 24.52 12.05
C GLY C 8 33.01 24.75 11.70
N GLY C 9 33.26 25.55 10.67
CA GLY C 9 34.61 25.83 10.24
C GLY C 9 35.12 24.82 9.23
N LEU C 10 36.45 24.67 9.14
CA LEU C 10 37.08 23.73 8.22
C LEU C 10 38.02 22.83 9.00
N VAL C 11 38.01 21.55 8.64
CA VAL C 11 38.85 20.53 9.28
C VAL C 11 39.63 19.80 8.20
N GLN C 12 40.94 19.72 8.38
CA GLN C 12 41.81 19.00 7.46
C GLN C 12 41.97 17.56 7.95
N ALA C 13 42.91 16.83 7.34
CA ALA C 13 43.15 15.46 7.76
C ALA C 13 43.64 15.41 9.20
N GLY C 14 43.24 14.35 9.90
CA GLY C 14 43.61 14.21 11.30
C GLY C 14 42.98 15.24 12.20
N GLY C 15 41.69 15.54 12.00
CA GLY C 15 40.99 16.50 12.84
C GLY C 15 39.62 15.96 13.23
N SER C 16 39.06 16.58 14.27
CA SER C 16 37.78 16.17 14.81
C SER C 16 37.01 17.38 15.28
N LEU C 17 35.68 17.27 15.22
CA LEU C 17 34.80 18.33 15.71
C LEU C 17 33.48 17.70 16.14
N ARG C 18 32.78 18.38 17.04
CA ARG C 18 31.49 17.93 17.56
C ARG C 18 30.42 18.87 17.03
N LEU C 19 29.46 18.30 16.30
CA LEU C 19 28.37 19.08 15.72
C LEU C 19 27.24 19.17 16.75
N SER C 20 27.16 20.31 17.43
CA SER C 20 26.17 20.51 18.49
C SER C 20 24.88 21.04 17.86
N CYS C 21 23.88 20.17 17.79
CA CYS C 21 22.57 20.50 17.22
C CYS C 21 21.53 20.49 18.35
N ALA C 22 20.79 21.59 18.46
CA ALA C 22 19.83 21.77 19.55
C ALA C 22 18.45 22.10 19.00
N VAL C 23 17.44 21.63 19.72
CA VAL C 23 16.03 21.86 19.39
C VAL C 23 15.46 22.87 20.37
N SER C 24 14.89 23.95 19.85
CA SER C 24 14.31 24.98 20.72
C SER C 24 13.08 24.48 21.44
N GLY C 25 12.27 23.62 20.81
CA GLY C 25 11.05 23.15 21.42
C GLY C 25 11.30 22.28 22.63
N ARG C 26 10.31 22.23 23.51
CA ARG C 26 10.35 21.44 24.74
C ARG C 26 9.63 20.11 24.60
N THR C 27 9.23 19.73 23.40
CA THR C 27 8.55 18.46 23.13
C THR C 27 9.49 17.45 22.49
N PHE C 28 10.72 17.36 22.99
CA PHE C 28 11.73 16.51 22.36
C PHE C 28 11.27 15.06 22.27
N SER C 29 10.37 14.63 23.15
CA SER C 29 9.91 13.25 23.12
C SER C 29 9.24 12.90 21.80
N THR C 30 8.47 13.84 21.25
CA THR C 30 7.65 13.58 20.07
C THR C 30 8.39 13.79 18.76
N TYR C 31 9.65 14.20 18.79
CA TYR C 31 10.42 14.42 17.57
C TYR C 31 11.21 13.15 17.24
N GLY C 32 10.90 12.55 16.09
CA GLY C 32 11.64 11.41 15.60
C GLY C 32 12.88 11.81 14.83
N MET C 33 13.93 12.20 15.55
CA MET C 33 15.13 12.73 14.92
C MET C 33 15.68 11.74 13.90
N ALA C 34 16.06 12.26 12.73
CA ALA C 34 16.67 11.46 11.68
C ALA C 34 17.59 12.35 10.87
N TRP C 35 18.68 11.77 10.36
CA TRP C 35 19.72 12.50 9.67
C TRP C 35 19.91 11.97 8.26
N PHE C 36 20.40 12.84 7.38
CA PHE C 36 20.69 12.46 6.01
C PHE C 36 21.70 13.45 5.44
N ARG C 37 22.60 12.96 4.59
CA ARG C 37 23.61 13.82 3.99
C ARG C 37 22.98 14.76 2.97
N GLN C 38 23.58 15.95 2.85
CA GLN C 38 23.15 16.96 1.90
C GLN C 38 24.27 17.22 0.89
N ALA C 39 23.89 17.37 -0.37
CA ALA C 39 24.83 17.64 -1.45
C ALA C 39 24.32 18.79 -2.30
N PRO C 40 25.22 19.53 -2.95
CA PRO C 40 24.80 20.66 -3.79
C PRO C 40 24.24 20.19 -5.12
N GLY C 41 22.92 20.28 -5.28
CA GLY C 41 22.27 19.88 -6.51
C GLY C 41 22.48 18.42 -6.84
N LYS C 42 22.32 17.56 -5.84
CA LYS C 42 22.51 16.13 -6.03
C LYS C 42 21.63 15.38 -5.04
N GLU C 43 21.53 14.06 -5.26
CA GLU C 43 20.69 13.24 -4.41
C GLU C 43 21.18 13.26 -2.96
N ARG C 44 20.24 13.22 -2.02
CA ARG C 44 20.55 13.26 -0.61
C ARG C 44 20.70 11.83 -0.09
N ASP C 45 21.87 11.52 0.46
CA ASP C 45 22.16 10.18 0.95
C ASP C 45 21.56 9.96 2.33
N PHE C 46 21.28 8.70 2.64
CA PHE C 46 20.69 8.31 3.91
C PHE C 46 21.78 8.08 4.95
N VAL C 47 21.44 8.38 6.21
CA VAL C 47 22.36 8.22 7.34
C VAL C 47 21.64 7.47 8.44
N ALA C 48 22.42 6.77 9.26
CA ALA C 48 21.86 6.03 10.38
C ALA C 48 21.07 6.96 11.30
N THR C 49 20.23 6.35 12.13
CA THR C 49 19.37 7.11 13.03
C THR C 49 19.23 6.35 14.35
N ILE C 50 18.99 7.10 15.42
CA ILE C 50 18.80 6.51 16.74
C ILE C 50 17.36 6.06 16.88
N THR C 51 17.17 4.81 17.29
CA THR C 51 15.82 4.28 17.47
C THR C 51 15.14 4.95 18.66
N ARG C 52 13.81 5.04 18.59
CA ARG C 52 13.06 5.65 19.68
C ARG C 52 13.27 4.91 20.99
N SER C 53 13.55 3.61 20.94
CA SER C 53 13.79 2.84 22.15
C SER C 53 15.04 3.30 22.89
N GLY C 54 15.98 3.92 22.18
CA GLY C 54 17.20 4.42 22.81
C GLY C 54 18.31 3.39 22.85
N GLU C 55 18.03 2.24 23.46
CA GLU C 55 19.05 1.20 23.57
C GLU C 55 19.49 0.71 22.20
N THR C 56 18.52 0.49 21.30
CA THR C 56 18.83 0.00 19.96
C THR C 56 19.26 1.18 19.08
N THR C 57 19.43 0.92 17.79
CA THR C 57 19.86 1.94 16.84
C THR C 57 19.58 1.42 15.43
N LEU C 58 20.05 2.16 14.43
CA LEU C 58 19.86 1.82 13.03
C LEU C 58 21.18 1.97 12.29
N TYR C 59 21.30 1.23 11.19
CA TYR C 59 22.48 1.27 10.33
C TYR C 59 22.07 1.64 8.92
N ALA C 60 22.87 2.51 8.30
CA ALA C 60 22.64 2.95 6.93
C ALA C 60 23.74 2.43 6.02
N ASP C 61 23.37 2.04 4.80
CA ASP C 61 24.34 1.47 3.88
C ASP C 61 25.45 2.47 3.55
N SER C 62 25.10 3.74 3.32
CA SER C 62 26.11 4.73 2.96
C SER C 62 27.12 4.91 4.08
N VAL C 63 26.65 5.16 5.30
CA VAL C 63 27.51 5.38 6.45
C VAL C 63 26.90 4.67 7.64
N LYS C 64 27.76 3.99 8.43
CA LYS C 64 27.31 3.28 9.61
C LYS C 64 28.51 2.95 10.48
N GLY C 65 28.34 3.11 11.79
CA GLY C 65 29.40 2.81 12.73
C GLY C 65 30.43 3.89 12.90
N ARG C 66 30.23 5.07 12.31
CA ARG C 66 31.16 6.18 12.41
C ARG C 66 30.44 7.47 12.79
N PHE C 67 29.48 7.37 13.72
CA PHE C 67 28.74 8.53 14.18
C PHE C 67 28.35 8.30 15.64
N THR C 68 28.74 9.22 16.52
CA THR C 68 28.46 9.09 17.94
C THR C 68 27.08 9.69 18.25
N ILE C 69 26.06 8.95 17.81
CA ILE C 69 24.69 9.35 18.08
C ILE C 69 24.41 9.21 19.57
N SER C 70 23.77 10.23 20.15
CA SER C 70 23.50 10.25 21.59
C SER C 70 22.23 11.06 21.83
N ARG C 71 21.18 10.39 22.30
CA ARG C 71 19.94 11.08 22.62
C ARG C 71 20.11 11.94 23.87
N ASP C 72 19.49 13.12 23.86
CA ASP C 72 19.55 14.05 24.98
C ASP C 72 18.14 14.49 25.33
N ASN C 73 17.83 14.50 26.63
CA ASN C 73 16.51 14.91 27.10
C ASN C 73 16.52 16.16 27.97
N ALA C 74 17.68 16.58 28.47
CA ALA C 74 17.74 17.76 29.32
C ALA C 74 17.68 19.04 28.50
N LYS C 75 18.64 19.23 27.59
CA LYS C 75 18.69 20.42 26.75
C LYS C 75 18.45 20.09 25.28
N ASN C 76 18.12 18.84 24.96
CA ASN C 76 17.82 18.43 23.59
C ASN C 76 18.98 18.78 22.65
N THR C 77 20.21 18.53 23.11
CA THR C 77 21.41 18.80 22.34
C THR C 77 22.08 17.48 21.97
N VAL C 78 22.42 17.33 20.69
CA VAL C 78 23.06 16.13 20.17
C VAL C 78 24.39 16.53 19.55
N TYR C 79 25.44 15.80 19.91
CA TYR C 79 26.80 16.04 19.41
C TYR C 79 27.11 14.95 18.40
N LEU C 80 26.86 15.25 17.11
CA LEU C 80 27.10 14.31 16.03
C LEU C 80 28.58 14.32 15.69
N GLN C 81 29.31 13.32 16.18
CA GLN C 81 30.74 13.23 15.96
C GLN C 81 31.04 12.66 14.58
N MET C 82 32.16 13.10 14.00
CA MET C 82 32.62 12.63 12.69
C MET C 82 33.99 11.98 12.88
N ASN C 83 34.13 10.76 12.37
CA ASN C 83 35.38 10.03 12.44
C ASN C 83 35.57 9.22 11.16
N SER C 84 36.84 8.93 10.84
CA SER C 84 37.21 8.17 9.65
C SER C 84 36.62 8.83 8.40
N LEU C 85 37.05 10.08 8.18
CA LEU C 85 36.57 10.86 7.06
C LEU C 85 37.02 10.25 5.74
N LYS C 86 36.16 10.36 4.73
CA LYS C 86 36.42 9.83 3.41
C LYS C 86 35.55 10.59 2.43
N ILE C 87 35.87 10.48 1.13
CA ILE C 87 35.08 11.15 0.10
C ILE C 87 33.63 10.72 0.19
N GLU C 88 33.38 9.42 0.38
CA GLU C 88 32.02 8.94 0.56
C GLU C 88 31.39 9.54 1.82
N ASP C 89 32.16 9.63 2.90
CA ASP C 89 31.68 10.18 4.16
C ASP C 89 31.82 11.69 4.23
N THR C 90 32.38 12.33 3.20
CA THR C 90 32.57 13.77 3.17
C THR C 90 31.47 14.40 2.34
N ALA C 91 30.75 15.34 2.94
CA ALA C 91 29.65 16.03 2.27
C ALA C 91 29.16 17.13 3.20
N VAL C 92 28.16 17.89 2.73
CA VAL C 92 27.58 18.97 3.51
C VAL C 92 26.69 18.38 4.59
N TYR C 93 27.22 18.31 5.81
CA TYR C 93 26.45 17.76 6.92
C TYR C 93 25.26 18.67 7.25
N TYR C 94 24.14 18.04 7.58
CA TYR C 94 22.93 18.77 7.94
C TYR C 94 22.26 18.06 9.10
N CYS C 95 21.72 18.87 10.03
CA CYS C 95 20.92 18.37 11.14
C CYS C 95 19.46 18.69 10.83
N ALA C 96 18.73 17.67 10.39
CA ALA C 96 17.33 17.82 9.97
C ALA C 96 16.46 17.10 11.01
N VAL C 97 16.00 17.84 12.01
CA VAL C 97 15.10 17.28 13.01
C VAL C 97 13.73 17.07 12.40
N ARG C 98 13.19 15.87 12.58
CA ARG C 98 11.89 15.52 12.03
C ARG C 98 10.78 15.90 13.00
N ARG C 99 9.79 16.63 12.51
CA ARG C 99 8.67 17.06 13.33
C ARG C 99 7.65 15.97 13.56
N ASP C 100 7.69 14.90 12.77
CA ASP C 100 6.73 13.81 12.94
C ASP C 100 7.01 13.03 14.22
N SER C 101 5.95 12.48 14.79
CA SER C 101 6.02 11.70 16.03
C SER C 101 5.64 10.26 15.69
N SER C 102 6.64 9.44 15.39
CA SER C 102 6.41 8.05 15.02
C SER C 102 7.75 7.34 14.94
N TRP C 103 7.71 6.01 15.03
CA TRP C 103 8.92 5.22 14.86
C TRP C 103 9.49 5.46 13.47
N GLY C 104 10.81 5.70 13.41
CA GLY C 104 11.42 6.11 12.17
C GLY C 104 12.54 5.20 11.68
N TYR C 105 12.28 4.52 10.55
CA TYR C 105 13.30 3.79 9.81
C TYR C 105 13.24 4.15 8.34
N SER C 106 12.69 5.32 8.03
CA SER C 106 12.44 5.70 6.65
C SER C 106 13.74 5.98 5.90
N ARG C 107 13.69 5.82 4.59
CA ARG C 107 14.82 6.11 3.71
C ARG C 107 14.52 7.21 2.71
N ASP C 108 13.30 7.75 2.70
CA ASP C 108 12.89 8.78 1.77
C ASP C 108 12.90 10.15 2.45
N LEU C 109 12.94 11.19 1.63
CA LEU C 109 12.98 12.57 2.10
C LEU C 109 11.61 13.23 2.16
N PHE C 110 10.54 12.46 1.89
CA PHE C 110 9.19 13.02 1.82
C PHE C 110 8.67 13.46 3.18
N GLU C 111 9.34 13.10 4.27
CA GLU C 111 8.81 13.36 5.61
C GLU C 111 9.78 14.18 6.45
N TYR C 112 10.30 15.27 5.88
CA TYR C 112 11.20 16.17 6.59
C TYR C 112 10.72 17.60 6.41
N ASP C 113 11.12 18.46 7.34
CA ASP C 113 10.55 19.81 7.42
C ASP C 113 11.14 20.76 6.40
N TYR C 114 12.44 21.02 6.49
CA TYR C 114 13.06 22.04 5.65
C TYR C 114 14.58 21.84 5.66
N TRP C 115 15.25 22.52 4.74
CA TRP C 115 16.70 22.53 4.61
C TRP C 115 17.14 23.99 4.67
N GLY C 116 17.39 24.49 5.88
CA GLY C 116 17.62 25.91 6.07
C GLY C 116 19.00 26.41 5.69
N GLN C 117 20.03 26.01 6.43
CA GLN C 117 21.38 26.52 6.20
C GLN C 117 22.42 25.43 6.04
N GLY C 118 22.32 24.34 6.80
CA GLY C 118 23.31 23.28 6.72
C GLY C 118 24.70 23.73 7.12
N THR C 119 25.64 22.79 7.20
CA THR C 119 27.02 23.09 7.55
C THR C 119 27.93 22.13 6.82
N GLN C 120 29.19 22.53 6.66
CA GLN C 120 30.18 21.71 5.96
C GLN C 120 31.57 22.16 6.38
N VAL C 121 32.58 21.51 5.81
CA VAL C 121 33.98 21.82 6.07
C VAL C 121 34.71 21.96 4.75
N THR C 122 35.86 22.63 4.80
CA THR C 122 36.69 22.87 3.63
C THR C 122 37.97 22.06 3.73
N VAL C 123 38.27 21.31 2.68
CA VAL C 123 39.47 20.48 2.60
C VAL C 123 40.27 20.90 1.38
N SER C 124 41.56 21.16 1.57
CA SER C 124 42.42 21.58 0.48
C SER C 124 42.67 20.43 -0.48
#